data_4MBU
#
_entry.id   4MBU
#
_cell.length_a   97.490
_cell.length_b   78.860
_cell.length_c   66.010
_cell.angle_alpha   90.00
_cell.angle_beta   111.95
_cell.angle_gamma   90.00
#
_symmetry.space_group_name_H-M   'C 1 2 1'
#
loop_
_entity.id
_entity.type
_entity.pdbx_description
1 polymer 'Similar to N-acetyltransferase'
2 non-polymer 'CADMIUM ION'
3 non-polymer 'PHOSPHATE ION'
4 water water
#
_entity_poly.entity_id   1
_entity_poly.type   'polypeptide(L)'
_entity_poly.pdbx_seq_one_letter_code
;SNAMIRCAKKEDLNAILAIYNDAIINTTAVYTYKPQTIDERIAWFETKQRNHEPIFVFEENGSVLGFATFGSFRPWPAYQ
YTIEHSIYVDASARGKGIASQLLQRLIVEAKAKGYRTLVAGIDASNEASIKLHQKFNFKHAGTLTNVGYKFDYWLDLAFY
ELDLKD
;
_entity_poly.pdbx_strand_id   A,B
#
loop_
_chem_comp.id
_chem_comp.type
_chem_comp.name
_chem_comp.formula
CD non-polymer 'CADMIUM ION' 'Cd 2'
PO4 non-polymer 'PHOSPHATE ION' 'O4 P -3'
#
# COMPACT_ATOMS: atom_id res chain seq x y z
N SER A 1 30.02 -8.97 25.62
CA SER A 1 28.86 -9.24 24.78
C SER A 1 27.61 -8.52 25.34
N ASN A 2 27.64 -7.18 25.25
CA ASN A 2 26.62 -6.28 25.79
C ASN A 2 25.50 -6.02 24.78
N ALA A 3 24.47 -6.86 24.78
CA ALA A 3 23.42 -6.80 23.74
C ALA A 3 22.04 -6.40 24.26
N MET A 4 21.34 -5.55 23.51
CA MET A 4 20.08 -4.97 23.97
C MET A 4 19.19 -4.47 22.83
N ILE A 5 17.88 -4.69 22.96
CA ILE A 5 16.91 -4.03 22.08
C ILE A 5 16.33 -2.81 22.82
N ARG A 6 16.44 -1.64 22.21
CA ARG A 6 15.92 -0.42 22.82
C ARG A 6 15.26 0.46 21.77
N CYS A 7 14.47 1.44 22.19
CA CYS A 7 13.98 2.42 21.24
C CYS A 7 15.15 3.21 20.66
N ALA A 8 15.01 3.59 19.38
CA ALA A 8 16.06 4.32 18.70
C ALA A 8 16.08 5.75 19.20
N LYS A 9 17.24 6.38 19.10
CA LYS A 9 17.44 7.78 19.44
C LYS A 9 18.11 8.49 18.26
N LYS A 10 18.16 9.82 18.28
CA LYS A 10 18.77 10.59 17.19
C LYS A 10 20.20 10.15 16.90
N GLU A 11 20.96 9.90 17.95
CA GLU A 11 22.36 9.48 17.84
C GLU A 11 22.52 8.13 17.14
N ASP A 12 21.42 7.43 16.89
CA ASP A 12 21.46 6.16 16.18
C ASP A 12 21.36 6.34 14.65
N LEU A 13 20.84 7.49 14.24
CA LEU A 13 20.43 7.68 12.84
C LEU A 13 21.52 7.38 11.80
N ASN A 14 22.73 7.85 12.05
CA ASN A 14 23.82 7.59 11.10
C ASN A 14 23.98 6.09 10.87
N ALA A 15 24.03 5.32 11.96
CA ALA A 15 24.15 3.86 11.85
C ALA A 15 22.97 3.35 11.07
N ILE A 16 21.78 3.81 11.45
CA ILE A 16 20.55 3.37 10.80
C ILE A 16 20.68 3.68 9.31
N LEU A 17 21.12 4.89 8.99
CA LEU A 17 21.20 5.32 7.59
C LEU A 17 22.06 4.31 6.82
N ALA A 18 23.22 3.97 7.38
CA ALA A 18 24.15 3.12 6.66
C ALA A 18 23.46 1.82 6.31
N ILE A 19 22.82 1.24 7.33
CA ILE A 19 22.18 -0.05 7.15
C ILE A 19 21.18 0.06 6.00
N TYR A 20 20.33 1.09 6.07
CA TYR A 20 19.28 1.27 5.09
C TYR A 20 19.90 1.41 3.72
N ASN A 21 20.93 2.25 3.61
CA ASN A 21 21.50 2.51 2.30
C ASN A 21 22.16 1.27 1.72
N ASP A 22 22.74 0.43 2.59
CA ASP A 22 23.35 -0.80 2.11
C ASP A 22 22.24 -1.61 1.43
N ALA A 23 21.10 -1.66 2.09
CA ALA A 23 19.98 -2.44 1.59
C ALA A 23 19.50 -1.87 0.26
N ILE A 24 19.60 -0.55 0.11
CA ILE A 24 19.13 0.06 -1.13
C ILE A 24 20.09 -0.32 -2.24
N ILE A 25 21.39 -0.31 -1.92
CA ILE A 25 22.38 -0.47 -2.98
C ILE A 25 22.48 -1.93 -3.46
N ASN A 26 22.33 -2.88 -2.54
CA ASN A 26 22.66 -4.27 -2.86
C ASN A 26 21.51 -5.26 -2.93
N THR A 27 20.34 -4.88 -2.43
CA THR A 27 19.25 -5.85 -2.30
C THR A 27 17.93 -5.27 -2.79
N THR A 28 16.93 -6.14 -2.84
CA THR A 28 15.57 -5.77 -3.18
C THR A 28 14.74 -5.58 -1.91
N ALA A 29 15.41 -5.42 -0.77
CA ALA A 29 14.72 -5.26 0.50
C ALA A 29 14.04 -3.87 0.57
N VAL A 30 14.55 -2.93 -0.21
CA VAL A 30 13.95 -1.59 -0.34
C VAL A 30 13.73 -1.33 -1.82
N TYR A 31 12.47 -1.10 -2.22
CA TYR A 31 12.16 -0.81 -3.62
C TYR A 31 12.54 0.66 -3.94
N THR A 32 13.80 0.99 -3.70
CA THR A 32 14.32 2.35 -3.92
C THR A 32 15.61 2.20 -4.71
N TYR A 33 15.97 3.21 -5.50
CA TYR A 33 17.19 3.12 -6.29
C TYR A 33 18.35 3.91 -5.67
N LYS A 34 18.06 5.14 -5.23
CA LYS A 34 19.08 6.08 -4.75
C LYS A 34 19.26 6.03 -3.25
N PRO A 35 20.51 6.13 -2.77
CA PRO A 35 20.78 6.17 -1.34
C PRO A 35 20.03 7.33 -0.68
N GLN A 36 19.55 7.12 0.53
CA GLN A 36 18.84 8.14 1.29
C GLN A 36 19.86 9.08 1.91
N THR A 37 19.49 10.34 2.12
CA THR A 37 20.37 11.31 2.76
C THR A 37 20.11 11.37 4.26
N ILE A 38 21.04 11.96 5.00
CA ILE A 38 20.89 12.04 6.46
C ILE A 38 19.73 12.96 6.88
N ASP A 39 19.47 14.00 6.09
CA ASP A 39 18.34 14.89 6.37
C ASP A 39 17.00 14.19 6.17
N GLU A 40 16.92 13.37 5.13
CA GLU A 40 15.71 12.58 4.87
C GLU A 40 15.47 11.63 6.03
N ARG A 41 16.54 10.99 6.51
CA ARG A 41 16.45 10.06 7.62
C ARG A 41 16.03 10.79 8.92
N ILE A 42 16.55 11.99 9.13
CA ILE A 42 16.20 12.78 10.32
C ILE A 42 14.74 13.21 10.26
N ALA A 43 14.28 13.61 9.08
CA ALA A 43 12.87 13.97 8.89
C ALA A 43 11.98 12.77 9.16
N TRP A 44 12.42 11.60 8.70
CA TRP A 44 11.73 10.34 8.94
C TRP A 44 11.58 10.07 10.45
N PHE A 45 12.68 10.21 11.17
CA PHE A 45 12.70 10.04 12.62
C PHE A 45 11.76 11.02 13.34
N GLU A 46 11.82 12.28 12.94
CA GLU A 46 10.98 13.31 13.57
C GLU A 46 9.50 13.02 13.31
N THR A 47 9.20 12.61 12.08
CA THR A 47 7.85 12.23 11.70
C THR A 47 7.32 11.04 12.50
N LYS A 48 8.15 10.01 12.65
CA LYS A 48 7.80 8.85 13.47
C LYS A 48 7.56 9.29 14.91
N GLN A 49 8.35 10.25 15.39
CA GLN A 49 8.17 10.75 16.75
C GLN A 49 6.84 11.49 16.90
N ARG A 50 6.48 12.29 15.90
CA ARG A 50 5.22 13.01 15.92
C ARG A 50 4.03 12.04 15.87
N ASN A 51 4.17 10.98 15.09
CA ASN A 51 3.08 10.02 14.89
C ASN A 51 3.02 8.93 15.95
N HIS A 52 3.89 9.00 16.95
CA HIS A 52 4.01 7.96 17.97
C HIS A 52 4.15 6.55 17.38
N GLU A 53 4.94 6.44 16.32
CA GLU A 53 5.26 5.13 15.76
C GLU A 53 6.61 4.71 16.32
N PRO A 54 6.74 3.44 16.71
CA PRO A 54 7.99 3.01 17.35
C PRO A 54 9.13 2.78 16.36
N ILE A 55 10.35 2.99 16.85
CA ILE A 55 11.55 2.59 16.12
C ILE A 55 12.41 1.87 17.15
N PHE A 56 12.77 0.62 16.88
CA PHE A 56 13.62 -0.13 17.79
C PHE A 56 14.94 -0.40 17.10
N VAL A 57 16.02 -0.42 17.88
CA VAL A 57 17.31 -0.85 17.40
C VAL A 57 17.81 -2.01 18.26
N PHE A 58 18.54 -2.90 17.60
CA PHE A 58 19.34 -3.90 18.25
C PHE A 58 20.74 -3.36 18.25
N GLU A 59 21.26 -3.22 19.47
CA GLU A 59 22.58 -2.67 19.75
C GLU A 59 23.42 -3.70 20.48
N GLU A 60 24.65 -3.88 20.03
CA GLU A 60 25.59 -4.81 20.68
C GLU A 60 27.01 -4.26 20.68
N ASN A 61 27.66 -4.29 21.84
CA ASN A 61 29.02 -3.75 21.99
C ASN A 61 29.14 -2.33 21.46
N GLY A 62 28.12 -1.52 21.75
CA GLY A 62 28.14 -0.11 21.41
C GLY A 62 27.75 0.16 19.97
N SER A 63 27.41 -0.90 19.24
CA SER A 63 27.09 -0.76 17.81
C SER A 63 25.65 -1.15 17.47
N VAL A 64 24.97 -0.27 16.76
CA VAL A 64 23.64 -0.56 16.23
C VAL A 64 23.74 -1.53 15.05
N LEU A 65 23.28 -2.77 15.25
CA LEU A 65 23.40 -3.80 14.23
C LEU A 65 22.07 -4.06 13.53
N GLY A 66 21.00 -3.47 14.06
CA GLY A 66 19.74 -3.62 13.32
C GLY A 66 18.70 -2.62 13.77
N PHE A 67 17.68 -2.40 12.94
CA PHE A 67 16.56 -1.55 13.35
C PHE A 67 15.25 -2.03 12.76
N ALA A 68 14.13 -1.55 13.32
CA ALA A 68 12.80 -2.02 12.94
C ALA A 68 11.73 -1.02 13.32
N THR A 69 10.69 -0.95 12.51
CA THR A 69 9.63 -0.02 12.79
C THR A 69 8.30 -0.49 12.23
N PHE A 70 7.20 0.11 12.67
CA PHE A 70 5.94 -0.08 11.95
C PHE A 70 5.19 1.23 11.73
N GLY A 71 4.23 1.21 10.81
CA GLY A 71 3.44 2.39 10.51
C GLY A 71 2.24 2.02 9.68
N SER A 72 1.73 2.99 8.93
CA SER A 72 0.49 2.80 8.17
C SER A 72 0.67 1.79 7.04
N PHE A 73 -0.34 0.96 6.78
CA PHE A 73 -0.28 0.04 5.66
C PHE A 73 -0.83 0.68 4.38
N ARG A 74 -2.09 1.14 4.43
CA ARG A 74 -2.66 1.91 3.33
C ARG A 74 -3.30 3.15 3.92
N PRO A 75 -3.22 4.28 3.19
CA PRO A 75 -3.65 5.58 3.73
C PRO A 75 -5.14 5.84 3.53
N TRP A 76 -5.97 5.26 4.41
CA TRP A 76 -7.40 5.53 4.44
C TRP A 76 -7.79 5.18 5.87
N PRO A 77 -8.65 6.01 6.50
CA PRO A 77 -9.04 5.84 7.91
C PRO A 77 -9.49 4.44 8.34
N ALA A 78 -10.15 3.69 7.47
CA ALA A 78 -10.64 2.37 7.87
C ALA A 78 -9.55 1.29 7.98
N TYR A 79 -8.31 1.63 7.58
CA TYR A 79 -7.17 0.73 7.77
C TYR A 79 -6.51 0.97 9.12
N GLN A 80 -7.20 1.67 10.02
CA GLN A 80 -6.54 2.14 11.24
C GLN A 80 -6.06 1.01 12.16
N TYR A 81 -6.68 -0.15 12.11
CA TYR A 81 -6.20 -1.24 12.96
C TYR A 81 -5.12 -2.10 12.29
N THR A 82 -4.69 -1.67 11.10
CA THR A 82 -3.69 -2.43 10.33
C THR A 82 -2.40 -1.61 10.27
N ILE A 83 -1.28 -2.27 10.57
CA ILE A 83 0.02 -1.65 10.44
C ILE A 83 0.93 -2.51 9.58
N GLU A 84 1.90 -1.89 8.92
CA GLU A 84 2.91 -2.65 8.18
C GLU A 84 4.25 -2.39 8.83
N HIS A 85 5.03 -3.46 9.01
CA HIS A 85 6.34 -3.28 9.63
C HIS A 85 7.49 -3.53 8.67
N SER A 86 8.66 -3.08 9.07
CA SER A 86 9.89 -3.40 8.34
C SER A 86 11.05 -3.58 9.30
N ILE A 87 11.97 -4.47 8.92
CA ILE A 87 13.11 -4.84 9.72
C ILE A 87 14.35 -4.87 8.84
N TYR A 88 15.44 -4.27 9.32
CA TYR A 88 16.69 -4.26 8.57
C TYR A 88 17.84 -4.65 9.50
N VAL A 89 18.65 -5.60 9.07
CA VAL A 89 19.78 -6.09 9.85
C VAL A 89 21.06 -5.84 9.07
N ASP A 90 22.07 -5.32 9.73
CA ASP A 90 23.38 -5.11 9.09
C ASP A 90 23.86 -6.43 8.47
N ALA A 91 24.43 -6.35 7.28
CA ALA A 91 24.86 -7.55 6.55
C ALA A 91 26.04 -8.26 7.21
N SER A 92 26.78 -7.53 8.05
CA SER A 92 27.89 -8.15 8.78
C SER A 92 27.38 -8.84 10.03
N ALA A 93 26.09 -8.67 10.33
CA ALA A 93 25.53 -9.14 11.59
C ALA A 93 24.40 -10.17 11.39
N ARG A 94 24.41 -10.86 10.27
CA ARG A 94 23.34 -11.83 9.96
C ARG A 94 23.61 -13.14 10.67
N GLY A 95 22.56 -13.94 10.87
CA GLY A 95 22.71 -15.24 11.51
C GLY A 95 22.77 -15.19 13.02
N LYS A 96 22.56 -14.00 13.59
CA LYS A 96 22.64 -13.83 15.04
C LYS A 96 21.26 -13.81 15.72
N GLY A 97 20.19 -13.98 14.93
CA GLY A 97 18.85 -13.93 15.47
C GLY A 97 18.37 -12.51 15.79
N ILE A 98 18.98 -11.52 15.15
CA ILE A 98 18.64 -10.12 15.38
C ILE A 98 17.27 -9.76 14.77
N ALA A 99 17.02 -10.22 13.56
CA ALA A 99 15.72 -10.02 12.91
C ALA A 99 14.61 -10.60 13.76
N SER A 100 14.80 -11.82 14.24
CA SER A 100 13.82 -12.48 15.11
C SER A 100 13.50 -11.70 16.39
N GLN A 101 14.54 -11.19 17.06
CA GLN A 101 14.33 -10.40 18.27
C GLN A 101 13.61 -9.08 17.99
N LEU A 102 13.96 -8.46 16.87
CA LEU A 102 13.28 -7.23 16.46
C LEU A 102 11.80 -7.50 16.17
N LEU A 103 11.51 -8.55 15.40
CA LEU A 103 10.13 -8.89 15.07
C LEU A 103 9.32 -9.16 16.32
N GLN A 104 9.93 -9.92 17.24
CA GLN A 104 9.28 -10.21 18.51
C GLN A 104 8.89 -8.92 19.22
N ARG A 105 9.83 -7.98 19.27
CA ARG A 105 9.57 -6.70 19.94
C ARG A 105 8.47 -5.89 19.23
N LEU A 106 8.52 -5.88 17.90
CA LEU A 106 7.47 -5.23 17.10
C LEU A 106 6.11 -5.81 17.42
N ILE A 107 6.01 -7.14 17.47
CA ILE A 107 4.74 -7.79 17.76
C ILE A 107 4.22 -7.40 19.15
N VAL A 108 5.10 -7.46 20.16
CA VAL A 108 4.64 -7.06 21.50
C VAL A 108 4.13 -5.61 21.51
N GLU A 109 4.82 -4.72 20.81
CA GLU A 109 4.38 -3.33 20.76
C GLU A 109 3.04 -3.19 20.03
N ALA A 110 2.89 -3.93 18.93
CA ALA A 110 1.66 -3.91 18.14
C ALA A 110 0.47 -4.37 18.94
N LYS A 111 0.65 -5.44 19.70
CA LYS A 111 -0.41 -5.93 20.56
C LYS A 111 -0.73 -4.92 21.66
N ALA A 112 0.29 -4.33 22.26
CA ALA A 112 0.06 -3.36 23.35
C ALA A 112 -0.69 -2.10 22.90
N LYS A 113 -0.53 -1.74 21.63
CA LYS A 113 -1.20 -0.57 21.09
C LYS A 113 -2.56 -0.91 20.47
N GLY A 114 -2.98 -2.17 20.57
CA GLY A 114 -4.33 -2.55 20.16
C GLY A 114 -4.59 -2.71 18.67
N TYR A 115 -3.55 -2.89 17.87
CA TYR A 115 -3.75 -3.13 16.45
C TYR A 115 -4.33 -4.53 16.25
N ARG A 116 -4.92 -4.77 15.09
CA ARG A 116 -5.54 -6.06 14.80
C ARG A 116 -4.68 -6.89 13.87
N THR A 117 -4.07 -6.22 12.89
CA THR A 117 -3.44 -6.91 11.76
C THR A 117 -2.07 -6.31 11.46
N LEU A 118 -1.05 -7.17 11.47
CA LEU A 118 0.32 -6.76 11.13
C LEU A 118 0.72 -7.34 9.78
N VAL A 119 1.13 -6.47 8.86
CA VAL A 119 1.43 -6.84 7.48
C VAL A 119 2.92 -6.64 7.15
N ALA A 120 3.49 -7.63 6.45
CA ALA A 120 4.84 -7.57 5.93
C ALA A 120 4.77 -7.62 4.41
N GLY A 121 5.39 -6.65 3.76
CA GLY A 121 5.64 -6.75 2.33
C GLY A 121 7.03 -7.33 2.14
N ILE A 122 7.13 -8.56 1.66
CA ILE A 122 8.43 -9.20 1.55
C ILE A 122 8.68 -9.56 0.10
N ASP A 123 9.84 -9.20 -0.45
CA ASP A 123 10.15 -9.57 -1.83
C ASP A 123 10.10 -11.09 -1.92
N ALA A 124 9.53 -11.64 -2.99
CA ALA A 124 9.37 -13.11 -3.07
C ALA A 124 10.71 -13.83 -3.00
N SER A 125 11.80 -13.11 -3.31
CA SER A 125 13.15 -13.68 -3.26
C SER A 125 13.76 -13.72 -1.86
N ASN A 126 13.14 -13.04 -0.90
CA ASN A 126 13.72 -12.93 0.44
C ASN A 126 13.37 -14.13 1.33
N GLU A 127 14.08 -15.23 1.08
CA GLU A 127 13.77 -16.50 1.70
C GLU A 127 13.92 -16.50 3.22
N ALA A 128 15.00 -15.89 3.72
CA ALA A 128 15.21 -15.82 5.16
C ALA A 128 14.08 -15.05 5.85
N SER A 129 13.63 -13.97 5.22
CA SER A 129 12.58 -13.16 5.82
C SER A 129 11.26 -13.93 5.84
N ILE A 130 10.97 -14.60 4.74
CA ILE A 130 9.74 -15.41 4.67
C ILE A 130 9.75 -16.51 5.73
N LYS A 131 10.87 -17.21 5.85
CA LYS A 131 11.00 -18.25 6.87
C LYS A 131 10.83 -17.68 8.29
N LEU A 132 11.40 -16.50 8.52
CA LEU A 132 11.29 -15.85 9.84
C LEU A 132 9.84 -15.50 10.14
N HIS A 133 9.13 -15.05 9.12
CA HIS A 133 7.76 -14.65 9.36
C HIS A 133 6.85 -15.84 9.58
N GLN A 134 7.06 -16.89 8.79
CA GLN A 134 6.34 -18.14 9.01
C GLN A 134 6.57 -18.64 10.43
N LYS A 135 7.80 -18.52 10.92
CA LYS A 135 8.11 -18.93 12.30
C LYS A 135 7.22 -18.22 13.32
N PHE A 136 6.91 -16.95 13.08
CA PHE A 136 6.06 -16.19 13.98
C PHE A 136 4.58 -16.26 13.59
N ASN A 137 4.24 -17.26 12.77
CA ASN A 137 2.86 -17.54 12.40
C ASN A 137 2.16 -16.48 11.54
N PHE A 138 2.95 -15.74 10.74
CA PHE A 138 2.39 -14.95 9.66
C PHE A 138 1.89 -15.92 8.58
N LYS A 139 0.76 -15.60 7.96
CA LYS A 139 0.24 -16.38 6.83
C LYS A 139 0.49 -15.66 5.50
N HIS A 140 0.94 -16.39 4.49
CA HIS A 140 1.08 -15.80 3.16
C HIS A 140 -0.32 -15.46 2.65
N ALA A 141 -0.56 -14.17 2.43
CA ALA A 141 -1.91 -13.69 2.07
C ALA A 141 -2.02 -13.46 0.57
N GLY A 142 -0.88 -13.37 -0.11
CA GLY A 142 -0.91 -13.21 -1.56
C GLY A 142 0.41 -12.78 -2.13
N THR A 143 0.48 -12.72 -3.46
CA THR A 143 1.69 -12.29 -4.16
C THR A 143 1.34 -11.44 -5.39
N LEU A 144 1.82 -10.20 -5.40
CA LEU A 144 1.60 -9.33 -6.55
C LEU A 144 2.82 -9.46 -7.46
N THR A 145 2.60 -9.97 -8.67
CA THR A 145 3.69 -10.27 -9.57
C THR A 145 4.04 -9.05 -10.44
N ASN A 146 5.35 -8.87 -10.69
CA ASN A 146 5.82 -7.78 -11.53
C ASN A 146 5.39 -6.40 -11.04
N VAL A 147 5.35 -6.21 -9.72
CA VAL A 147 4.97 -4.90 -9.19
C VAL A 147 6.19 -4.01 -9.05
N GLY A 148 7.37 -4.64 -8.95
CA GLY A 148 8.57 -3.83 -8.81
C GLY A 148 9.54 -4.05 -9.96
N TYR A 149 10.50 -3.15 -10.13
CA TYR A 149 11.54 -3.32 -11.14
C TYR A 149 12.87 -2.79 -10.58
N LYS A 150 13.86 -3.67 -10.45
CA LYS A 150 15.16 -3.27 -9.92
C LYS A 150 16.23 -4.24 -10.42
N PHE A 151 17.44 -3.72 -10.60
CA PHE A 151 18.55 -4.53 -11.09
C PHE A 151 18.18 -5.22 -12.41
N ASP A 152 17.39 -4.53 -13.23
CA ASP A 152 17.00 -5.01 -14.56
C ASP A 152 16.08 -6.21 -14.60
N TYR A 153 15.51 -6.57 -13.47
CA TYR A 153 14.48 -7.62 -13.48
C TYR A 153 13.20 -7.24 -12.75
N TRP A 154 12.11 -7.93 -13.10
CA TRP A 154 10.82 -7.68 -12.48
C TRP A 154 10.76 -8.34 -11.12
N LEU A 155 10.06 -7.70 -10.18
CA LEU A 155 10.02 -8.10 -8.78
C LEU A 155 8.59 -8.40 -8.37
N ASP A 156 8.45 -9.45 -7.57
CA ASP A 156 7.17 -9.88 -7.03
C ASP A 156 7.13 -9.57 -5.55
N LEU A 157 6.04 -8.97 -5.09
CA LEU A 157 5.91 -8.63 -3.69
C LEU A 157 4.91 -9.55 -3.02
N ALA A 158 5.37 -10.27 -2.00
CA ALA A 158 4.50 -11.16 -1.24
C ALA A 158 4.00 -10.45 0.03
N PHE A 159 2.74 -10.67 0.37
CA PHE A 159 2.21 -10.10 1.60
C PHE A 159 2.06 -11.22 2.62
N TYR A 160 2.60 -10.99 3.81
CA TYR A 160 2.40 -11.92 4.93
C TYR A 160 1.65 -11.20 6.02
N GLU A 161 0.74 -11.89 6.68
CA GLU A 161 -0.03 -11.20 7.71
C GLU A 161 -0.18 -12.01 8.98
N LEU A 162 -0.13 -11.29 10.10
CA LEU A 162 -0.39 -11.85 11.41
C LEU A 162 -1.64 -11.21 12.01
N ASP A 163 -2.58 -12.06 12.41
CA ASP A 163 -3.71 -11.65 13.22
C ASP A 163 -3.25 -11.51 14.66
N LEU A 164 -3.22 -10.26 15.14
CA LEU A 164 -2.75 -9.96 16.50
C LEU A 164 -3.74 -10.31 17.62
N LYS A 165 -4.98 -10.69 17.25
CA LYS A 165 -6.02 -10.99 18.24
C LYS A 165 -5.85 -12.38 18.84
N MET B 4 -21.05 9.01 -23.53
CA MET B 4 -19.66 9.36 -23.82
C MET B 4 -18.74 9.20 -22.60
N ILE B 5 -17.53 8.67 -22.82
CA ILE B 5 -16.49 8.67 -21.80
C ILE B 5 -15.43 9.71 -22.20
N ARG B 6 -15.23 10.70 -21.33
CA ARG B 6 -14.24 11.75 -21.62
C ARG B 6 -13.41 12.00 -20.38
N CYS B 7 -12.34 12.77 -20.52
CA CYS B 7 -11.61 13.22 -19.34
C CYS B 7 -12.46 14.16 -18.50
N ALA B 8 -12.29 14.05 -17.18
CA ALA B 8 -13.03 14.89 -16.23
C ALA B 8 -12.53 16.33 -16.29
N LYS B 9 -13.44 17.27 -16.01
CA LYS B 9 -13.15 18.69 -15.95
C LYS B 9 -13.58 19.20 -14.57
N LYS B 10 -13.14 20.40 -14.19
CA LYS B 10 -13.46 20.92 -12.87
C LYS B 10 -14.98 20.98 -12.64
N GLU B 11 -15.70 21.29 -13.70
CA GLU B 11 -17.16 21.39 -13.64
C GLU B 11 -17.81 20.06 -13.30
N ASP B 12 -17.09 18.95 -13.48
CA ASP B 12 -17.61 17.63 -13.13
C ASP B 12 -17.54 17.37 -11.62
N LEU B 13 -16.66 18.10 -10.94
CA LEU B 13 -16.24 17.75 -9.58
C LEU B 13 -17.38 17.55 -8.57
N ASN B 14 -18.35 18.47 -8.56
CA ASN B 14 -19.49 18.33 -7.68
C ASN B 14 -20.18 16.97 -7.84
N ALA B 15 -20.47 16.60 -9.09
CA ALA B 15 -21.14 15.32 -9.34
C ALA B 15 -20.26 14.20 -8.82
N ILE B 16 -18.96 14.30 -9.11
CA ILE B 16 -18.02 13.24 -8.72
C ILE B 16 -18.10 13.12 -7.20
N LEU B 17 -18.07 14.27 -6.52
CA LEU B 17 -18.09 14.29 -5.07
C LEU B 17 -19.31 13.50 -4.58
N ALA B 18 -20.47 13.79 -5.18
CA ALA B 18 -21.70 13.16 -4.72
C ALA B 18 -21.53 11.64 -4.80
N ILE B 19 -21.12 11.17 -5.98
CA ILE B 19 -20.96 9.74 -6.21
C ILE B 19 -20.06 9.17 -5.11
N TYR B 20 -18.91 9.82 -4.92
CA TYR B 20 -17.90 9.34 -3.99
C TYR B 20 -18.49 9.30 -2.60
N ASN B 21 -19.18 10.37 -2.20
CA ASN B 21 -19.68 10.43 -0.84
C ASN B 21 -20.74 9.37 -0.62
N ASP B 22 -21.50 9.04 -1.67
CA ASP B 22 -22.54 8.03 -1.51
C ASP B 22 -21.83 6.74 -1.15
N ALA B 23 -20.75 6.46 -1.88
CA ALA B 23 -19.96 5.26 -1.67
C ALA B 23 -19.36 5.25 -0.26
N ILE B 24 -19.00 6.43 0.24
CA ILE B 24 -18.45 6.49 1.59
C ILE B 24 -19.55 6.14 2.58
N ILE B 25 -20.73 6.73 2.39
CA ILE B 25 -21.78 6.60 3.40
C ILE B 25 -22.41 5.20 3.43
N ASN B 26 -22.57 4.58 2.27
CA ASN B 26 -23.35 3.35 2.19
C ASN B 26 -22.64 2.04 1.93
N THR B 27 -21.38 2.11 1.48
CA THR B 27 -20.69 0.90 1.05
C THR B 27 -19.27 0.78 1.62
N THR B 28 -18.69 -0.38 1.39
CA THR B 28 -17.31 -0.68 1.76
C THR B 28 -16.36 -0.41 0.59
N ALA B 29 -16.87 0.23 -0.46
CA ALA B 29 -16.05 0.52 -1.64
C ALA B 29 -14.97 1.56 -1.36
N VAL B 30 -15.16 2.36 -0.32
CA VAL B 30 -14.16 3.35 0.12
C VAL B 30 -13.91 3.16 1.60
N TYR B 31 -12.65 2.88 1.97
CA TYR B 31 -12.30 2.66 3.38
C TYR B 31 -12.16 3.98 4.17
N THR B 32 -13.20 4.81 4.11
CA THR B 32 -13.22 6.14 4.74
C THR B 32 -14.57 6.25 5.47
N TYR B 33 -14.63 7.05 6.52
CA TYR B 33 -15.86 7.14 7.30
C TYR B 33 -16.65 8.42 7.01
N LYS B 34 -15.95 9.56 6.96
CA LYS B 34 -16.58 10.86 6.85
C LYS B 34 -16.67 11.29 5.38
N PRO B 35 -17.73 12.02 5.02
CA PRO B 35 -17.87 12.51 3.65
C PRO B 35 -16.69 13.42 3.29
N GLN B 36 -16.28 13.39 2.02
CA GLN B 36 -15.26 14.31 1.54
C GLN B 36 -15.92 15.67 1.32
N THR B 37 -15.15 16.75 1.45
CA THR B 37 -15.65 18.08 1.14
C THR B 37 -15.17 18.48 -0.25
N ILE B 38 -15.89 19.42 -0.88
CA ILE B 38 -15.56 19.84 -2.23
C ILE B 38 -14.13 20.42 -2.36
N ASP B 39 -13.62 20.97 -1.27
CA ASP B 39 -12.26 21.51 -1.24
C ASP B 39 -11.21 20.40 -1.38
N GLU B 40 -11.43 19.31 -0.66
CA GLU B 40 -10.52 18.17 -0.73
C GLU B 40 -10.56 17.57 -2.14
N ARG B 41 -11.75 17.55 -2.73
CA ARG B 41 -11.94 16.98 -4.05
C ARG B 41 -11.23 17.82 -5.10
N ILE B 42 -11.34 19.13 -4.96
CA ILE B 42 -10.68 20.06 -5.87
C ILE B 42 -9.17 19.91 -5.75
N ALA B 43 -8.67 19.83 -4.51
CA ALA B 43 -7.24 19.61 -4.31
C ALA B 43 -6.77 18.29 -4.97
N TRP B 44 -7.57 17.24 -4.82
CA TRP B 44 -7.32 15.95 -5.44
C TRP B 44 -7.22 16.07 -6.97
N PHE B 45 -8.17 16.79 -7.55
CA PHE B 45 -8.20 17.05 -8.99
C PHE B 45 -6.93 17.77 -9.47
N GLU B 46 -6.59 18.88 -8.81
CA GLU B 46 -5.42 19.64 -9.21
C GLU B 46 -4.14 18.82 -9.06
N THR B 47 -4.03 18.09 -7.96
CA THR B 47 -2.91 17.17 -7.74
C THR B 47 -2.78 16.15 -8.87
N LYS B 48 -3.90 15.58 -9.30
CA LYS B 48 -3.87 14.64 -10.43
C LYS B 48 -3.50 15.29 -11.75
N GLN B 49 -3.98 16.51 -11.98
CA GLN B 49 -3.57 17.29 -13.15
C GLN B 49 -2.06 17.47 -13.16
N ARG B 50 -1.52 17.78 -11.98
CA ARG B 50 -0.10 18.02 -11.80
C ARG B 50 0.71 16.75 -12.08
N ASN B 51 0.26 15.62 -11.53
CA ASN B 51 0.93 14.34 -11.72
C ASN B 51 0.65 13.69 -13.08
N HIS B 52 -0.12 14.37 -13.92
CA HIS B 52 -0.55 13.81 -15.20
C HIS B 52 -1.22 12.44 -15.07
N GLU B 53 -2.03 12.26 -14.02
CA GLU B 53 -2.81 11.03 -13.88
C GLU B 53 -4.19 11.24 -14.47
N PRO B 54 -4.69 10.27 -15.25
CA PRO B 54 -5.96 10.45 -15.93
C PRO B 54 -7.17 10.33 -15.00
N ILE B 55 -8.20 11.14 -15.23
CA ILE B 55 -9.49 10.95 -14.59
C ILE B 55 -10.54 10.93 -15.69
N PHE B 56 -11.28 9.83 -15.81
CA PHE B 56 -12.31 9.72 -16.82
C PHE B 56 -13.70 9.74 -16.19
N VAL B 57 -14.65 10.34 -16.88
CA VAL B 57 -16.05 10.29 -16.48
C VAL B 57 -16.88 9.66 -17.59
N PHE B 58 -17.93 8.97 -17.16
CA PHE B 58 -18.96 8.48 -18.07
C PHE B 58 -20.11 9.48 -17.99
N GLU B 59 -20.40 10.11 -19.12
CA GLU B 59 -21.44 11.13 -19.19
C GLU B 59 -22.59 10.68 -20.10
N GLU B 60 -23.82 10.87 -19.64
CA GLU B 60 -25.00 10.54 -20.45
C GLU B 60 -26.13 11.54 -20.18
N ASN B 61 -26.68 12.10 -21.26
CA ASN B 61 -27.73 13.11 -21.14
C ASN B 61 -27.32 14.27 -20.24
N GLY B 62 -26.05 14.64 -20.33
CA GLY B 62 -25.50 15.77 -19.60
C GLY B 62 -25.21 15.49 -18.14
N SER B 63 -25.32 14.23 -17.73
CA SER B 63 -25.10 13.85 -16.34
C SER B 63 -23.93 12.87 -16.18
N VAL B 64 -23.00 13.20 -15.31
CA VAL B 64 -21.92 12.29 -14.94
C VAL B 64 -22.45 11.13 -14.09
N LEU B 65 -22.38 9.91 -14.63
CA LEU B 65 -22.95 8.74 -13.97
C LEU B 65 -21.89 7.83 -13.37
N GLY B 66 -20.63 8.12 -13.67
CA GLY B 66 -19.54 7.36 -13.09
C GLY B 66 -18.22 8.05 -13.35
N PHE B 67 -17.20 7.70 -12.56
CA PHE B 67 -15.86 8.20 -12.81
C PHE B 67 -14.81 7.15 -12.45
N ALA B 68 -13.58 7.36 -12.91
CA ALA B 68 -12.53 6.36 -12.76
C ALA B 68 -11.17 7.01 -12.90
N THR B 69 -10.17 6.42 -12.27
CA THR B 69 -8.84 7.02 -12.27
C THR B 69 -7.80 5.96 -11.92
N PHE B 70 -6.53 6.28 -12.14
CA PHE B 70 -5.49 5.45 -11.57
C PHE B 70 -4.34 6.30 -11.05
N GLY B 71 -3.51 5.70 -10.20
CA GLY B 71 -2.39 6.41 -9.61
C GLY B 71 -1.42 5.45 -8.96
N SER B 72 -0.59 5.95 -8.05
CA SER B 72 0.42 5.11 -7.43
C SER B 72 -0.20 3.96 -6.63
N PHE B 73 0.45 2.80 -6.64
CA PHE B 73 0.01 1.68 -5.81
C PHE B 73 0.71 1.71 -4.44
N ARG B 74 2.04 1.76 -4.45
CA ARG B 74 2.82 1.93 -3.22
C ARG B 74 3.87 2.99 -3.53
N PRO B 75 4.28 3.76 -2.51
CA PRO B 75 5.15 4.94 -2.71
C PRO B 75 6.64 4.65 -2.49
N TRP B 76 7.24 3.97 -3.46
CA TRP B 76 8.67 3.75 -3.51
C TRP B 76 8.99 3.71 -4.99
N PRO B 77 10.15 4.25 -5.40
CA PRO B 77 10.54 4.41 -6.81
C PRO B 77 10.46 3.14 -7.66
N ALA B 78 10.85 1.99 -7.13
CA ALA B 78 10.79 0.75 -7.93
C ALA B 78 9.39 0.24 -8.26
N TYR B 79 8.35 0.88 -7.71
CA TYR B 79 6.96 0.53 -8.07
C TYR B 79 6.51 1.35 -9.27
N GLN B 80 7.50 1.92 -9.97
CA GLN B 80 7.26 2.84 -11.08
C GLN B 80 6.28 2.33 -12.15
N TYR B 81 6.35 1.04 -12.47
CA TYR B 81 5.51 0.55 -13.57
C TYR B 81 4.19 -0.05 -13.12
N THR B 82 3.85 0.16 -11.85
CA THR B 82 2.61 -0.37 -11.26
C THR B 82 1.67 0.78 -10.93
N ILE B 83 0.40 0.65 -11.31
CA ILE B 83 -0.62 1.63 -10.92
C ILE B 83 -1.83 0.94 -10.30
N GLU B 84 -2.53 1.64 -9.41
CA GLU B 84 -3.77 1.11 -8.86
C GLU B 84 -4.91 1.95 -9.38
N HIS B 85 -5.97 1.28 -9.84
CA HIS B 85 -7.10 2.02 -10.38
C HIS B 85 -8.30 2.01 -9.44
N SER B 86 -9.21 2.95 -9.65
CA SER B 86 -10.46 3.05 -8.91
C SER B 86 -11.61 3.40 -9.85
N ILE B 87 -12.75 2.76 -9.65
CA ILE B 87 -13.95 3.02 -10.43
C ILE B 87 -15.15 3.22 -9.50
N TYR B 88 -15.94 4.24 -9.76
CA TYR B 88 -17.17 4.46 -8.99
C TYR B 88 -18.33 4.77 -9.93
N VAL B 89 -19.44 4.06 -9.76
CA VAL B 89 -20.63 4.23 -10.59
C VAL B 89 -21.80 4.71 -9.72
N ASP B 90 -22.52 5.72 -10.20
CA ASP B 90 -23.70 6.22 -9.49
C ASP B 90 -24.64 5.06 -9.17
N ALA B 91 -25.16 5.03 -7.95
CA ALA B 91 -26.04 3.97 -7.49
C ALA B 91 -27.34 3.86 -8.30
N SER B 92 -27.79 4.96 -8.90
CA SER B 92 -28.99 4.93 -9.73
C SER B 92 -28.66 4.51 -11.17
N ALA B 93 -27.38 4.43 -11.49
CA ALA B 93 -26.95 4.12 -12.86
C ALA B 93 -26.30 2.73 -12.99
N ARG B 94 -26.63 1.82 -12.07
CA ARG B 94 -26.09 0.47 -12.15
C ARG B 94 -26.80 -0.33 -13.24
N GLY B 95 -26.19 -1.43 -13.68
CA GLY B 95 -26.81 -2.28 -14.68
C GLY B 95 -26.59 -1.82 -16.12
N LYS B 96 -25.95 -0.67 -16.30
CA LYS B 96 -25.79 -0.09 -17.63
C LYS B 96 -24.44 -0.40 -18.30
N GLY B 97 -23.59 -1.17 -17.64
CA GLY B 97 -22.27 -1.49 -18.18
C GLY B 97 -21.28 -0.33 -18.11
N ILE B 98 -21.55 0.62 -17.23
CA ILE B 98 -20.69 1.80 -17.07
C ILE B 98 -19.30 1.47 -16.53
N ALA B 99 -19.26 0.69 -15.44
CA ALA B 99 -17.99 0.29 -14.84
C ALA B 99 -17.12 -0.46 -15.84
N SER B 100 -17.75 -1.28 -16.67
CA SER B 100 -17.02 -2.03 -17.68
C SER B 100 -16.37 -1.11 -18.75
N GLN B 101 -17.12 -0.12 -19.21
CA GLN B 101 -16.61 0.86 -20.18
C GLN B 101 -15.48 1.70 -19.59
N LEU B 102 -15.64 2.10 -18.33
CA LEU B 102 -14.58 2.83 -17.63
C LEU B 102 -13.31 1.98 -17.48
N LEU B 103 -13.46 0.73 -17.04
CA LEU B 103 -12.31 -0.16 -16.87
C LEU B 103 -11.59 -0.35 -18.19
N GLN B 104 -12.37 -0.54 -19.24
CA GLN B 104 -11.82 -0.70 -20.58
C GLN B 104 -10.97 0.52 -20.94
N ARG B 105 -11.55 1.70 -20.75
CA ARG B 105 -10.81 2.94 -21.03
C ARG B 105 -9.52 3.09 -20.19
N LEU B 106 -9.60 2.75 -18.90
CA LEU B 106 -8.43 2.78 -18.01
C LEU B 106 -7.31 1.87 -18.50
N ILE B 107 -7.68 0.67 -18.92
CA ILE B 107 -6.71 -0.29 -19.42
C ILE B 107 -6.04 0.23 -20.68
N VAL B 108 -6.84 0.82 -21.58
CA VAL B 108 -6.28 1.43 -22.78
C VAL B 108 -5.26 2.51 -22.42
N GLU B 109 -5.64 3.35 -21.46
CA GLU B 109 -4.77 4.45 -21.06
C GLU B 109 -3.50 3.94 -20.37
N ALA B 110 -3.63 2.83 -19.65
CA ALA B 110 -2.51 2.27 -18.89
C ALA B 110 -1.49 1.65 -19.82
N LYS B 111 -1.98 1.00 -20.87
CA LYS B 111 -1.08 0.43 -21.87
C LYS B 111 -0.39 1.56 -22.61
N ALA B 112 -1.15 2.58 -23.01
CA ALA B 112 -0.57 3.68 -23.79
C ALA B 112 0.56 4.40 -23.05
N LYS B 113 0.47 4.44 -21.72
CA LYS B 113 1.46 5.13 -20.91
C LYS B 113 2.62 4.22 -20.46
N GLY B 114 2.59 2.96 -20.88
CA GLY B 114 3.73 2.07 -20.69
C GLY B 114 3.83 1.44 -19.31
N TYR B 115 2.72 1.35 -18.59
CA TYR B 115 2.72 0.66 -17.32
C TYR B 115 2.78 -0.84 -17.57
N ARG B 116 3.27 -1.58 -16.57
CA ARG B 116 3.37 -3.03 -16.67
C ARG B 116 2.24 -3.73 -15.96
N THR B 117 1.89 -3.22 -14.77
CA THR B 117 0.95 -3.91 -13.89
C THR B 117 -0.16 -3.00 -13.38
N LEU B 118 -1.40 -3.42 -13.59
CA LEU B 118 -2.57 -2.68 -13.10
C LEU B 118 -3.22 -3.42 -11.94
N VAL B 119 -3.35 -2.74 -10.81
CA VAL B 119 -3.83 -3.37 -9.57
C VAL B 119 -5.17 -2.78 -9.10
N ALA B 120 -6.05 -3.67 -8.64
CA ALA B 120 -7.32 -3.28 -8.03
C ALA B 120 -7.37 -3.81 -6.61
N GLY B 121 -7.69 -2.93 -5.67
CA GLY B 121 -7.99 -3.37 -4.32
C GLY B 121 -9.51 -3.47 -4.26
N ILE B 122 -10.05 -4.67 -4.15
CA ILE B 122 -11.50 -4.82 -4.18
C ILE B 122 -11.96 -5.44 -2.87
N ASP B 123 -12.98 -4.86 -2.24
CA ASP B 123 -13.49 -5.44 -1.01
C ASP B 123 -14.03 -6.83 -1.32
N ALA B 124 -13.71 -7.80 -0.47
CA ALA B 124 -13.98 -9.20 -0.75
C ALA B 124 -15.47 -9.47 -0.95
N SER B 125 -16.31 -8.57 -0.46
CA SER B 125 -17.76 -8.73 -0.58
C SER B 125 -18.32 -8.10 -1.86
N ASN B 126 -17.51 -7.30 -2.55
CA ASN B 126 -17.93 -6.66 -3.80
C ASN B 126 -17.83 -7.66 -4.95
N GLU B 127 -18.89 -8.46 -5.09
CA GLU B 127 -18.92 -9.59 -6.00
C GLU B 127 -19.06 -9.15 -7.47
N ALA B 128 -19.78 -8.06 -7.68
CA ALA B 128 -19.95 -7.53 -9.03
C ALA B 128 -18.60 -7.03 -9.57
N SER B 129 -17.87 -6.31 -8.72
CA SER B 129 -16.55 -5.81 -9.11
C SER B 129 -15.58 -6.97 -9.38
N ILE B 130 -15.59 -7.96 -8.50
CA ILE B 130 -14.76 -9.15 -8.72
C ILE B 130 -15.08 -9.83 -10.05
N LYS B 131 -16.37 -10.06 -10.31
CA LYS B 131 -16.80 -10.68 -11.57
C LYS B 131 -16.36 -9.85 -12.79
N LEU B 132 -16.51 -8.54 -12.68
CA LEU B 132 -16.08 -7.63 -13.73
C LEU B 132 -14.58 -7.74 -14.02
N HIS B 133 -13.78 -7.78 -12.96
CA HIS B 133 -12.35 -7.84 -13.14
C HIS B 133 -11.89 -9.20 -13.68
N GLN B 134 -12.54 -10.27 -13.22
CA GLN B 134 -12.32 -11.59 -13.80
C GLN B 134 -12.62 -11.55 -15.29
N LYS B 135 -13.71 -10.89 -15.67
CA LYS B 135 -14.10 -10.77 -17.08
C LYS B 135 -13.02 -10.11 -17.92
N PHE B 136 -12.31 -9.14 -17.33
CA PHE B 136 -11.22 -8.46 -18.04
C PHE B 136 -9.86 -9.13 -17.80
N ASN B 137 -9.90 -10.37 -17.32
CA ASN B 137 -8.71 -11.20 -17.17
C ASN B 137 -7.74 -10.80 -16.04
N PHE B 138 -8.25 -10.08 -15.04
CA PHE B 138 -7.45 -9.83 -13.84
C PHE B 138 -7.29 -11.15 -13.10
N LYS B 139 -6.14 -11.34 -12.45
CA LYS B 139 -5.92 -12.54 -11.64
C LYS B 139 -6.06 -12.19 -10.16
N HIS B 140 -6.70 -13.06 -9.39
CA HIS B 140 -6.75 -12.84 -7.95
C HIS B 140 -5.34 -13.04 -7.38
N ALA B 141 -4.71 -11.96 -6.92
CA ALA B 141 -3.34 -12.06 -6.41
C ALA B 141 -3.28 -12.47 -4.93
N GLY B 142 -4.36 -12.27 -4.21
CA GLY B 142 -4.39 -12.62 -2.80
C GLY B 142 -5.48 -11.89 -2.06
N THR B 143 -5.62 -12.15 -0.76
CA THR B 143 -6.61 -11.49 0.05
C THR B 143 -6.02 -11.22 1.42
N LEU B 144 -6.07 -9.97 1.84
CA LEU B 144 -5.64 -9.60 3.18
C LEU B 144 -6.89 -9.56 4.04
N THR B 145 -6.91 -10.37 5.09
CA THR B 145 -8.09 -10.48 5.95
C THR B 145 -8.00 -9.50 7.11
N ASN B 146 -9.16 -8.96 7.50
CA ASN B 146 -9.27 -8.06 8.64
C ASN B 146 -8.40 -6.82 8.50
N VAL B 147 -8.22 -6.34 7.27
CA VAL B 147 -7.38 -5.17 7.08
C VAL B 147 -8.16 -3.90 7.26
N GLY B 148 -9.48 -3.99 7.11
CA GLY B 148 -10.32 -2.81 7.27
C GLY B 148 -11.35 -2.98 8.37
N TYR B 149 -11.95 -1.89 8.82
CA TYR B 149 -13.03 -1.95 9.81
C TYR B 149 -14.04 -0.85 9.53
N LYS B 150 -15.26 -1.27 9.21
CA LYS B 150 -16.31 -0.31 8.85
C LYS B 150 -17.68 -0.94 9.12
N PHE B 151 -18.64 -0.10 9.51
CA PHE B 151 -20.01 -0.57 9.80
C PHE B 151 -19.98 -1.65 10.88
N ASP B 152 -19.06 -1.52 11.83
CA ASP B 152 -18.92 -2.45 12.96
C ASP B 152 -18.48 -3.86 12.61
N TYR B 153 -17.90 -4.07 11.43
CA TYR B 153 -17.31 -5.37 11.15
C TYR B 153 -15.98 -5.32 10.40
N TRP B 154 -15.26 -6.45 10.45
CA TRP B 154 -13.94 -6.55 9.88
C TRP B 154 -14.03 -6.79 8.37
N LEU B 155 -13.15 -6.12 7.62
CA LEU B 155 -13.18 -6.14 6.17
C LEU B 155 -11.94 -6.80 5.60
N ASP B 156 -12.15 -7.62 4.56
CA ASP B 156 -11.10 -8.30 3.82
C ASP B 156 -10.91 -7.61 2.46
N LEU B 157 -9.65 -7.36 2.10
CA LEU B 157 -9.34 -6.70 0.84
C LEU B 157 -8.70 -7.71 -0.11
N ALA B 158 -9.35 -7.93 -1.24
CA ALA B 158 -8.83 -8.81 -2.28
C ALA B 158 -8.00 -7.99 -3.26
N PHE B 159 -6.84 -8.48 -3.65
CA PHE B 159 -6.05 -7.77 -4.64
C PHE B 159 -6.22 -8.50 -5.95
N TYR B 160 -6.51 -7.75 -7.02
CA TYR B 160 -6.63 -8.32 -8.36
C TYR B 160 -5.66 -7.61 -9.30
N GLU B 161 -4.98 -8.38 -10.15
CA GLU B 161 -3.96 -7.75 -10.99
C GLU B 161 -4.06 -8.15 -12.46
N LEU B 162 -3.74 -7.19 -13.32
CA LEU B 162 -3.68 -7.43 -14.74
C LEU B 162 -2.28 -7.11 -15.24
N ASP B 163 -1.66 -8.07 -15.92
CA ASP B 163 -0.39 -7.82 -16.60
C ASP B 163 -0.68 -7.08 -17.91
N LEU B 164 -0.18 -5.86 -18.04
CA LEU B 164 -0.50 -5.04 -19.20
C LEU B 164 0.31 -5.38 -20.46
N LYS B 165 1.31 -6.24 -20.33
CA LYS B 165 2.18 -6.60 -21.46
C LYS B 165 1.48 -7.55 -22.42
CD CD C . 10.32 4.91 23.09
CD CD D . 17.27 -21.25 -1.13
CD CD E . 11.99 2.74 25.10
CD CD F . 2.85 -19.40 -0.10
CD CD G . 8.96 -4.79 3.76
P PO4 H . 2.32 -19.92 4.69
O1 PO4 H . 1.69 -20.70 3.57
O2 PO4 H . 3.29 -18.93 4.11
O3 PO4 H . 1.25 -19.20 5.46
O4 PO4 H . 3.06 -20.83 5.63
CD CD I . -7.22 14.73 -20.50
CD CD J . -9.41 14.03 -23.02
CD CD K . -10.34 -0.02 -4.97
P PO4 L . -21.99 -1.39 -12.99
O1 PO4 L . -21.67 -2.65 -13.76
O2 PO4 L . -21.72 -0.19 -13.88
O3 PO4 L . -23.44 -1.44 -12.57
O4 PO4 L . -21.10 -1.33 -11.76
#